data_7NQE
#
_entry.id   7NQE
#
_cell.length_a   39.953
_cell.length_b   62.675
_cell.length_c   82.484
_cell.angle_alpha   90.000
_cell.angle_beta   90.000
_cell.angle_gamma   90.000
#
_symmetry.space_group_name_H-M   'P 21 21 21'
#
loop_
_entity.id
_entity.type
_entity.pdbx_description
1 polymer 'TPR_REGION domain-containing protein'
2 non-polymer "2'-DEOXYGUANOSINE-5'-TRIPHOSPHATE"
3 non-polymer 'MANGANESE (II) ION'
4 non-polymer 1,2-ETHANEDIOL
5 water water
#
_entity_poly.entity_id   1
_entity_poly.type   'polypeptide(L)'
_entity_poly.pdbx_seq_one_letter_code
;KAPSQNAIKRFMTLFSGREDVFSIQYEGGYRPIRRPLNFQDIKNHFSGKKTLGIYLLKKNDTVKFAAYDIDIKKHYLNRE
DKFVYEENSKKVAKRLSRELNLENITHYFEFTGNRGYHIWIFFDIPVSAYKIKYIMEKILDRIELEEGIDVEIFPKQTSL
NGGLGNLIKVPLGVHKKTGKKCLFVDNDFNVIENQIEFLNNIKENKATEINKLFREIFNEND
;
_entity_poly.pdbx_strand_id   A
#
loop_
_chem_comp.id
_chem_comp.type
_chem_comp.name
_chem_comp.formula
DGT non-polymer 2'-DEOXYGUANOSINE-5'-TRIPHOSPHATE 'C10 H16 N5 O13 P3'
EDO non-polymer 1,2-ETHANEDIOL 'C2 H6 O2'
MN non-polymer 'MANGANESE (II) ION' 'Mn 2'
#
# COMPACT_ATOMS: atom_id res chain seq x y z
C ALA A 2 4.10 21.97 -4.60
N PRO A 3 3.46 22.68 -5.52
CA PRO A 3 2.19 23.34 -5.19
C PRO A 3 1.17 22.34 -4.68
N SER A 4 0.34 22.79 -3.74
CA SER A 4 -0.69 21.91 -3.16
C SER A 4 -1.68 21.44 -4.21
N GLN A 5 -1.94 22.26 -5.24
CA GLN A 5 -2.88 21.87 -6.29
C GLN A 5 -2.39 20.67 -7.09
N ASN A 6 -1.10 20.35 -7.02
N ASN A 6 -1.09 20.35 -7.01
CA ASN A 6 -0.56 19.19 -7.73
CA ASN A 6 -0.46 19.21 -7.66
C ASN A 6 -0.77 17.88 -6.97
C ASN A 6 -0.78 17.89 -6.98
N ALA A 7 -1.52 17.90 -5.86
CA ALA A 7 -1.66 16.70 -5.04
C ALA A 7 -2.46 15.61 -5.74
N ILE A 8 -3.53 15.97 -6.46
N ILE A 8 -3.52 15.99 -6.46
CA ILE A 8 -4.29 14.96 -7.18
CA ILE A 8 -4.30 15.00 -7.21
C ILE A 8 -3.43 14.32 -8.27
C ILE A 8 -3.44 14.33 -8.27
N LYS A 9 -2.69 15.13 -9.02
CA LYS A 9 -1.77 14.58 -10.01
C LYS A 9 -0.73 13.67 -9.37
N ARG A 10 -0.18 14.09 -8.23
CA ARG A 10 0.80 13.25 -7.55
C ARG A 10 0.20 11.94 -7.09
N PHE A 11 -1.02 11.99 -6.55
CA PHE A 11 -1.72 10.77 -6.14
C PHE A 11 -1.87 9.82 -7.33
N MET A 12 -2.29 10.37 -8.47
N MET A 12 -2.30 10.35 -8.47
CA MET A 12 -2.48 9.56 -9.67
CA MET A 12 -2.47 9.50 -9.65
C MET A 12 -1.17 8.96 -10.15
C MET A 12 -1.14 8.91 -10.09
N THR A 13 -0.05 9.67 -9.96
CA THR A 13 1.25 9.19 -10.40
C THR A 13 1.80 8.13 -9.47
N LEU A 14 1.63 8.33 -8.16
CA LEU A 14 2.15 7.39 -7.18
C LEU A 14 1.34 6.09 -7.17
N PHE A 15 0.02 6.19 -7.17
CA PHE A 15 -0.85 5.01 -7.11
C PHE A 15 -1.29 4.60 -8.49
N SER A 16 -0.32 4.54 -9.39
CA SER A 16 -0.58 4.26 -10.80
C SER A 16 -0.53 2.75 -11.02
N GLY A 17 -1.70 2.14 -11.21
CA GLY A 17 -1.79 0.72 -11.48
C GLY A 17 -2.37 0.49 -12.86
N ARG A 18 -3.33 -0.43 -12.97
CA ARG A 18 -4.02 -0.65 -14.23
C ARG A 18 -4.63 0.66 -14.70
N GLU A 19 -4.39 1.02 -15.96
CA GLU A 19 -4.71 2.37 -16.38
C GLU A 19 -6.08 2.52 -17.01
N ASP A 20 -6.80 1.42 -17.24
CA ASP A 20 -8.13 1.53 -17.86
C ASP A 20 -9.23 0.87 -17.05
N VAL A 21 -8.94 0.42 -15.83
CA VAL A 21 -9.93 -0.14 -14.92
C VAL A 21 -9.49 0.22 -13.51
N PHE A 22 -10.46 0.47 -12.63
CA PHE A 22 -10.21 0.58 -11.19
C PHE A 22 -11.40 -0.04 -10.47
N SER A 23 -11.46 0.10 -9.16
CA SER A 23 -12.59 -0.44 -8.42
C SER A 23 -13.00 0.55 -7.34
N ILE A 24 -14.23 0.37 -6.84
CA ILE A 24 -14.68 1.10 -5.67
C ILE A 24 -15.22 0.14 -4.62
N GLN A 25 -15.05 0.53 -3.36
CA GLN A 25 -15.60 -0.25 -2.27
C GLN A 25 -17.12 -0.11 -2.25
N TYR A 26 -17.81 -1.21 -1.97
CA TYR A 26 -19.23 -1.15 -1.67
C TYR A 26 -19.51 -1.98 -0.43
N GLU A 27 -20.76 -1.93 0.02
CA GLU A 27 -21.17 -2.73 1.17
C GLU A 27 -21.25 -4.18 0.73
N GLY A 28 -20.15 -4.92 0.87
CA GLY A 28 -20.10 -6.31 0.47
C GLY A 28 -18.94 -6.68 -0.42
N GLY A 29 -18.09 -5.72 -0.79
CA GLY A 29 -16.91 -6.07 -1.56
C GLY A 29 -16.33 -4.86 -2.29
N TYR A 30 -15.75 -5.13 -3.45
CA TYR A 30 -15.24 -4.10 -4.35
C TYR A 30 -15.79 -4.35 -5.73
N ARG A 31 -16.19 -3.28 -6.41
N ARG A 31 -16.19 -3.27 -6.40
CA ARG A 31 -16.85 -3.33 -7.70
CA ARG A 31 -16.84 -3.34 -7.71
C ARG A 31 -15.93 -2.76 -8.77
C ARG A 31 -15.93 -2.76 -8.77
N PRO A 32 -15.63 -3.49 -9.83
CA PRO A 32 -14.82 -2.91 -10.92
C PRO A 32 -15.56 -1.81 -11.66
N ILE A 33 -14.81 -0.75 -11.99
CA ILE A 33 -15.28 0.35 -12.82
C ILE A 33 -14.44 0.31 -14.09
N ARG A 34 -15.07 0.00 -15.21
CA ARG A 34 -14.31 -0.32 -16.43
C ARG A 34 -14.07 0.92 -17.30
N ARG A 35 -13.32 1.84 -16.72
CA ARG A 35 -12.81 3.01 -17.43
C ARG A 35 -11.60 3.54 -16.67
N PRO A 36 -10.78 4.38 -17.29
CA PRO A 36 -9.62 4.95 -16.58
C PRO A 36 -10.05 5.78 -15.38
N LEU A 37 -9.28 5.65 -14.31
CA LEU A 37 -9.39 6.58 -13.19
C LEU A 37 -9.10 8.00 -13.67
N ASN A 38 -9.84 8.97 -13.14
CA ASN A 38 -9.60 10.36 -13.49
C ASN A 38 -9.54 11.21 -12.22
N PHE A 39 -9.30 12.51 -12.41
CA PHE A 39 -9.07 13.38 -11.25
C PHE A 39 -10.32 13.56 -10.41
N GLN A 40 -11.52 13.55 -11.04
CA GLN A 40 -12.74 13.64 -10.25
C GLN A 40 -12.92 12.43 -9.34
N ASP A 41 -12.52 11.24 -9.82
CA ASP A 41 -12.59 10.05 -8.99
C ASP A 41 -11.72 10.22 -7.75
N ILE A 42 -10.52 10.78 -7.93
CA ILE A 42 -9.65 11.00 -6.79
C ILE A 42 -10.25 12.03 -5.84
N LYS A 43 -10.89 13.07 -6.39
CA LYS A 43 -11.58 14.04 -5.53
C LYS A 43 -12.70 13.37 -4.74
N ASN A 44 -13.44 12.44 -5.37
CA ASN A 44 -14.49 11.71 -4.66
C ASN A 44 -13.91 10.85 -3.53
N HIS A 45 -12.73 10.26 -3.77
CA HIS A 45 -12.04 9.51 -2.73
C HIS A 45 -11.68 10.41 -1.56
N PHE A 46 -11.02 11.54 -1.86
CA PHE A 46 -10.59 12.46 -0.81
C PHE A 46 -11.77 13.00 -0.01
N SER A 47 -12.92 13.20 -0.66
CA SER A 47 -14.07 13.80 0.00
C SER A 47 -14.96 12.77 0.70
N GLY A 48 -14.63 11.49 0.62
CA GLY A 48 -15.42 10.47 1.29
C GLY A 48 -16.72 10.13 0.61
N LYS A 49 -16.83 10.37 -0.69
CA LYS A 49 -18.01 9.97 -1.47
C LYS A 49 -17.84 8.60 -2.09
N LYS A 50 -16.63 8.23 -2.44
CA LYS A 50 -16.30 6.93 -3.03
C LYS A 50 -14.98 6.49 -2.42
N THR A 51 -14.72 5.19 -2.44
CA THR A 51 -13.47 4.67 -1.89
C THR A 51 -12.77 3.81 -2.93
N LEU A 52 -11.61 4.26 -3.38
CA LEU A 52 -10.91 3.64 -4.50
C LEU A 52 -10.11 2.43 -4.07
N GLY A 53 -10.24 1.35 -4.83
CA GLY A 53 -9.28 0.26 -4.84
C GLY A 53 -8.59 0.20 -6.20
N ILE A 54 -7.26 0.21 -6.18
CA ILE A 54 -6.46 0.27 -7.40
C ILE A 54 -5.92 -1.12 -7.70
N TYR A 55 -6.09 -1.57 -8.95
CA TYR A 55 -5.45 -2.81 -9.39
C TYR A 55 -3.97 -2.55 -9.60
N LEU A 56 -3.12 -3.25 -8.86
CA LEU A 56 -1.69 -2.92 -8.84
C LEU A 56 -1.01 -3.22 -10.17
N LEU A 57 -1.39 -4.32 -10.80
CA LEU A 57 -0.65 -4.81 -11.95
C LEU A 57 -1.02 -4.05 -13.22
N LYS A 58 -0.01 -3.50 -13.90
CA LYS A 58 -0.20 -2.98 -15.23
C LYS A 58 -0.20 -4.14 -16.24
N LYS A 59 -0.59 -3.84 -17.48
CA LYS A 59 -0.85 -4.89 -18.46
C LYS A 59 0.41 -5.66 -18.86
N ASN A 60 1.60 -5.12 -18.60
CA ASN A 60 2.84 -5.83 -18.85
C ASN A 60 3.38 -6.52 -17.60
N ASP A 61 2.52 -6.73 -16.60
CA ASP A 61 2.88 -7.45 -15.38
C ASP A 61 3.94 -6.73 -14.56
N THR A 62 3.94 -5.40 -14.59
CA THR A 62 4.78 -4.58 -13.73
C THR A 62 3.91 -3.83 -12.73
N VAL A 63 4.55 -3.30 -11.68
CA VAL A 63 3.88 -2.47 -10.70
C VAL A 63 4.71 -1.22 -10.46
N LYS A 64 4.04 -0.09 -10.25
CA LYS A 64 4.71 1.14 -9.85
C LYS A 64 4.69 1.33 -8.34
N PHE A 65 3.96 0.48 -7.63
CA PHE A 65 3.93 0.53 -6.17
C PHE A 65 3.64 -0.88 -5.65
N ALA A 66 3.96 -1.08 -4.37
CA ALA A 66 3.70 -2.34 -3.68
C ALA A 66 3.42 -2.01 -2.23
N ALA A 67 2.91 -3.00 -1.48
CA ALA A 67 2.59 -2.73 -0.08
C ALA A 67 2.66 -4.01 0.75
N TYR A 68 3.17 -3.87 1.96
CA TYR A 68 2.85 -4.83 3.01
C TYR A 68 1.51 -4.45 3.62
N ASP A 69 0.69 -5.46 3.87
CA ASP A 69 -0.63 -5.31 4.46
C ASP A 69 -0.58 -6.02 5.82
N ILE A 70 -0.53 -5.24 6.89
CA ILE A 70 -0.40 -5.75 8.24
C ILE A 70 -1.78 -5.72 8.89
N ASP A 71 -2.29 -6.91 9.24
CA ASP A 71 -3.65 -7.07 9.74
C ASP A 71 -3.64 -7.65 11.15
N ILE A 72 -4.50 -7.12 12.01
CA ILE A 72 -4.92 -7.85 13.20
C ILE A 72 -5.91 -8.92 12.75
N LYS A 73 -5.67 -10.16 13.17
CA LYS A 73 -6.57 -11.24 12.80
C LYS A 73 -7.96 -10.97 13.36
N LYS A 74 -8.98 -11.32 12.57
CA LYS A 74 -10.35 -10.94 12.90
C LYS A 74 -10.77 -11.44 14.28
N HIS A 75 -10.40 -12.68 14.65
CA HIS A 75 -10.84 -13.23 15.92
C HIS A 75 -10.08 -12.66 17.12
N TYR A 76 -9.12 -11.76 16.89
CA TYR A 76 -8.47 -11.04 17.97
C TYR A 76 -9.10 -9.68 18.23
N LEU A 77 -9.98 -9.21 17.35
CA LEU A 77 -10.57 -7.88 17.49
C LEU A 77 -11.72 -7.84 18.49
N ASN A 78 -12.36 -8.96 18.79
CA ASN A 78 -13.50 -8.99 19.70
C ASN A 78 -13.10 -9.26 21.13
N ARG A 79 -11.80 -9.39 21.41
CA ARG A 79 -11.29 -9.76 22.72
C ARG A 79 -11.27 -8.56 23.66
N GLU A 80 -11.26 -8.85 24.96
CA GLU A 80 -11.16 -7.79 25.95
C GLU A 80 -9.88 -6.98 25.80
N ASP A 81 -8.75 -7.66 25.58
CA ASP A 81 -7.46 -6.98 25.48
C ASP A 81 -7.10 -6.60 24.05
N LYS A 82 -8.09 -6.19 23.25
CA LYS A 82 -7.87 -5.88 21.84
C LYS A 82 -6.75 -4.88 21.64
N PHE A 83 -6.58 -3.93 22.56
CA PHE A 83 -5.56 -2.91 22.40
C PHE A 83 -4.15 -3.48 22.33
N VAL A 84 -3.91 -4.62 23.00
CA VAL A 84 -2.59 -5.24 22.91
C VAL A 84 -2.26 -5.58 21.47
N TYR A 85 -3.25 -6.06 20.73
CA TYR A 85 -3.05 -6.46 19.35
C TYR A 85 -2.91 -5.24 18.44
N GLU A 86 -3.57 -4.13 18.79
CA GLU A 86 -3.32 -2.90 18.04
C GLU A 86 -1.87 -2.46 18.21
N GLU A 87 -1.35 -2.50 19.45
CA GLU A 87 0.06 -2.21 19.65
C GLU A 87 0.96 -3.21 18.92
N ASN A 88 0.57 -4.49 18.90
CA ASN A 88 1.38 -5.49 18.20
C ASN A 88 1.44 -5.22 16.70
N SER A 89 0.37 -4.68 16.11
CA SER A 89 0.40 -4.37 14.68
C SER A 89 1.46 -3.29 14.41
N LYS A 90 1.58 -2.32 15.31
CA LYS A 90 2.62 -1.30 15.18
C LYS A 90 4.01 -1.89 15.36
N LYS A 91 4.16 -2.80 16.31
CA LYS A 91 5.45 -3.45 16.50
C LYS A 91 5.90 -4.18 15.23
N VAL A 92 4.98 -4.91 14.59
CA VAL A 92 5.30 -5.63 13.36
C VAL A 92 5.66 -4.63 12.26
N ALA A 93 4.89 -3.56 12.12
CA ALA A 93 5.19 -2.55 11.10
C ALA A 93 6.58 -1.97 11.33
N LYS A 94 6.94 -1.68 12.58
CA LYS A 94 8.26 -1.13 12.88
C LYS A 94 9.37 -2.13 12.57
N ARG A 95 9.14 -3.42 12.86
CA ARG A 95 10.15 -4.42 12.56
C ARG A 95 10.40 -4.52 11.06
N LEU A 96 9.34 -4.52 10.26
CA LEU A 96 9.51 -4.58 8.82
C LEU A 96 10.17 -3.32 8.32
N SER A 97 9.80 -2.16 8.88
CA SER A 97 10.38 -0.89 8.47
C SER A 97 11.88 -0.90 8.69
N ARG A 98 12.34 -1.45 9.82
CA ARG A 98 13.78 -1.52 10.05
C ARG A 98 14.47 -2.33 8.96
N GLU A 99 13.89 -3.46 8.55
CA GLU A 99 14.50 -4.28 7.51
C GLU A 99 14.50 -3.56 6.16
N LEU A 100 13.42 -2.87 5.84
CA LEU A 100 13.39 -2.08 4.61
C LEU A 100 14.45 -0.99 4.64
N ASN A 101 14.63 -0.34 5.79
CA ASN A 101 15.63 0.71 5.90
C ASN A 101 17.04 0.16 5.65
N LEU A 102 17.32 -1.04 6.17
CA LEU A 102 18.62 -1.66 5.97
C LEU A 102 18.90 -1.90 4.49
N GLU A 103 17.85 -2.07 3.69
CA GLU A 103 18.03 -2.29 2.26
C GLU A 103 17.87 -1.00 1.45
N ASN A 104 17.81 0.15 2.12
CA ASN A 104 17.64 1.45 1.45
C ASN A 104 16.34 1.54 0.65
N ILE A 105 15.29 0.91 1.14
CA ILE A 105 13.98 0.97 0.48
C ILE A 105 13.15 2.00 1.21
N THR A 106 12.91 3.14 0.55
N THR A 106 12.91 3.15 0.56
CA THR A 106 12.08 4.19 1.12
CA THR A 106 12.07 4.18 1.15
C THR A 106 10.62 3.75 1.13
C THR A 106 10.62 3.74 1.13
N HIS A 107 9.92 4.01 2.24
CA HIS A 107 8.57 3.49 2.43
C HIS A 107 7.79 4.37 3.39
N TYR A 108 6.47 4.18 3.39
CA TYR A 108 5.56 5.09 4.09
C TYR A 108 4.44 4.29 4.76
N PHE A 109 4.10 4.67 5.98
CA PHE A 109 3.08 3.97 6.76
C PHE A 109 1.72 4.61 6.54
N GLU A 110 0.68 3.77 6.46
CA GLU A 110 -0.71 4.23 6.39
C GLU A 110 -1.57 3.44 7.37
N PHE A 111 -2.31 4.14 8.22
CA PHE A 111 -3.37 3.54 9.02
C PHE A 111 -4.55 3.24 8.10
N THR A 112 -4.97 1.98 8.04
CA THR A 112 -5.90 1.55 7.00
C THR A 112 -7.38 1.73 7.35
N GLY A 113 -7.68 2.39 8.47
CA GLY A 113 -9.06 2.73 8.81
C GLY A 113 -9.85 1.64 9.48
N ASN A 114 -9.20 0.55 9.90
CA ASN A 114 -9.95 -0.55 10.51
C ASN A 114 -9.06 -1.38 11.43
N ARG A 115 -8.21 -2.24 10.87
CA ARG A 115 -7.51 -3.22 11.69
C ARG A 115 -6.03 -3.39 11.35
N GLY A 116 -5.39 -2.36 10.80
CA GLY A 116 -3.94 -2.45 10.70
C GLY A 116 -3.32 -1.31 9.92
N TYR A 117 -2.25 -1.65 9.20
CA TYR A 117 -1.42 -0.68 8.52
C TYR A 117 -1.03 -1.22 7.17
N HIS A 118 -0.78 -0.32 6.23
CA HIS A 118 -0.07 -0.65 5.01
C HIS A 118 1.30 -0.01 5.10
N ILE A 119 2.32 -0.68 4.59
CA ILE A 119 3.62 -0.08 4.33
C ILE A 119 3.74 0.02 2.82
N TRP A 120 3.71 1.24 2.31
CA TRP A 120 3.76 1.50 0.88
C TRP A 120 5.19 1.69 0.40
N ILE A 121 5.45 1.15 -0.78
CA ILE A 121 6.75 1.28 -1.45
C ILE A 121 6.47 1.73 -2.89
N PHE A 122 7.07 2.84 -3.29
CA PHE A 122 6.85 3.43 -4.62
C PHE A 122 8.10 3.34 -5.47
N PHE A 123 7.91 3.24 -6.79
CA PHE A 123 9.02 3.13 -7.75
C PHE A 123 8.93 4.26 -8.77
N ASP A 124 10.10 4.71 -9.23
CA ASP A 124 10.11 5.80 -10.22
C ASP A 124 9.56 5.32 -11.56
N ILE A 125 9.88 4.11 -11.97
N ILE A 125 9.84 4.07 -11.92
CA ILE A 125 9.22 3.48 -13.11
CA ILE A 125 9.43 3.39 -13.14
C ILE A 125 8.85 2.07 -12.71
C ILE A 125 8.86 2.06 -12.70
N PRO A 126 7.85 1.48 -13.37
CA PRO A 126 7.33 0.18 -12.91
C PRO A 126 8.41 -0.90 -12.95
N VAL A 127 8.33 -1.81 -11.98
CA VAL A 127 9.25 -2.94 -11.86
C VAL A 127 8.45 -4.23 -12.03
N SER A 128 9.15 -5.29 -12.43
N SER A 128 9.15 -5.29 -12.45
CA SER A 128 8.52 -6.60 -12.55
CA SER A 128 8.51 -6.60 -12.56
C SER A 128 7.85 -6.99 -11.25
C SER A 128 7.84 -6.97 -11.23
N ALA A 129 6.56 -7.35 -11.32
CA ALA A 129 5.82 -7.68 -10.11
C ALA A 129 6.47 -8.83 -9.36
N TYR A 130 6.94 -9.85 -10.07
CA TYR A 130 7.54 -10.96 -9.35
C TYR A 130 8.81 -10.56 -8.62
N LYS A 131 9.55 -9.58 -9.15
CA LYS A 131 10.81 -9.18 -8.52
C LYS A 131 10.55 -8.51 -7.18
N ILE A 132 9.61 -7.56 -7.14
CA ILE A 132 9.34 -6.87 -5.88
C ILE A 132 8.66 -7.82 -4.90
N LYS A 133 7.79 -8.70 -5.37
CA LYS A 133 7.18 -9.67 -4.46
C LYS A 133 8.23 -10.54 -3.81
N TYR A 134 9.18 -11.04 -4.60
CA TYR A 134 10.25 -11.88 -4.06
C TYR A 134 11.10 -11.12 -3.03
N ILE A 135 11.48 -9.89 -3.35
CA ILE A 135 12.23 -9.08 -2.39
C ILE A 135 11.45 -8.95 -1.08
N MET A 136 10.16 -8.62 -1.19
CA MET A 136 9.35 -8.42 0.02
C MET A 136 9.16 -9.70 0.80
N GLU A 137 9.10 -10.85 0.12
CA GLU A 137 8.98 -12.12 0.83
C GLU A 137 10.25 -12.44 1.58
N LYS A 138 11.40 -12.21 0.93
CA LYS A 138 12.68 -12.50 1.58
C LYS A 138 12.90 -11.58 2.78
N ILE A 139 12.48 -10.32 2.67
CA ILE A 139 12.59 -9.40 3.81
C ILE A 139 11.68 -9.83 4.94
N LEU A 140 10.43 -10.19 4.61
CA LEU A 140 9.49 -10.64 5.63
C LEU A 140 9.99 -11.89 6.33
N ASP A 141 10.67 -12.78 5.60
CA ASP A 141 11.25 -13.98 6.18
C ASP A 141 12.30 -13.69 7.24
N ARG A 142 12.80 -12.46 7.31
CA ARG A 142 13.81 -12.10 8.30
C ARG A 142 13.25 -11.83 9.68
N ILE A 143 11.93 -11.74 9.83
CA ILE A 143 11.33 -11.31 11.08
C ILE A 143 10.38 -12.36 11.60
N GLU A 144 10.02 -12.21 12.87
CA GLU A 144 8.94 -12.99 13.46
C GLU A 144 7.85 -12.03 13.88
N LEU A 145 6.62 -12.52 13.99
CA LEU A 145 5.46 -11.68 14.18
C LEU A 145 4.92 -11.82 15.59
N GLU A 146 4.49 -10.70 16.17
N GLU A 146 4.48 -10.71 16.17
CA GLU A 146 3.81 -10.73 17.45
CA GLU A 146 3.83 -10.72 17.46
C GLU A 146 2.48 -11.47 17.34
C GLU A 146 2.46 -11.40 17.36
N GLU A 147 1.96 -11.85 18.51
CA GLU A 147 0.65 -12.50 18.56
C GLU A 147 -0.46 -11.66 17.95
N GLY A 148 -1.32 -12.32 17.16
CA GLY A 148 -2.52 -11.71 16.64
C GLY A 148 -2.36 -11.03 15.30
N ILE A 149 -1.16 -11.04 14.70
CA ILE A 149 -0.83 -10.23 13.53
C ILE A 149 -0.53 -11.14 12.34
N ASP A 150 -1.04 -10.76 11.17
CA ASP A 150 -0.65 -11.36 9.90
C ASP A 150 -0.02 -10.27 9.02
N VAL A 151 0.82 -10.70 8.08
CA VAL A 151 1.37 -9.80 7.07
C VAL A 151 1.14 -10.43 5.71
N GLU A 152 0.56 -9.66 4.81
CA GLU A 152 0.42 -10.02 3.40
C GLU A 152 1.24 -9.10 2.53
N ILE A 153 1.57 -9.56 1.33
CA ILE A 153 2.33 -8.78 0.36
C ILE A 153 1.45 -8.55 -0.86
N PHE A 154 1.31 -7.29 -1.25
CA PHE A 154 0.67 -6.92 -2.50
C PHE A 154 1.74 -6.36 -3.43
N PRO A 155 1.85 -6.86 -4.66
CA PRO A 155 0.98 -7.84 -5.31
C PRO A 155 1.20 -9.27 -4.85
N LYS A 156 0.11 -10.04 -4.78
CA LYS A 156 0.18 -11.50 -4.67
C LYS A 156 0.20 -12.15 -6.04
N GLN A 157 -0.80 -11.83 -6.86
CA GLN A 157 -0.85 -12.27 -8.24
C GLN A 157 0.13 -11.42 -9.04
N THR A 158 1.12 -12.05 -9.68
CA THR A 158 2.16 -11.32 -10.40
C THR A 158 2.06 -11.49 -11.92
N SER A 159 1.10 -12.27 -12.42
N SER A 159 1.11 -12.29 -12.40
CA SER A 159 0.84 -12.43 -13.84
CA SER A 159 0.82 -12.43 -13.82
C SER A 159 -0.65 -12.27 -14.08
C SER A 159 -0.67 -12.22 -14.01
N LEU A 160 -1.04 -11.31 -14.91
CA LEU A 160 -2.46 -11.00 -15.09
C LEU A 160 -3.21 -12.10 -15.80
N ASN A 161 -2.59 -12.72 -16.82
CA ASN A 161 -3.25 -13.76 -17.61
C ASN A 161 -4.61 -13.29 -18.14
N GLY A 162 -4.67 -12.03 -18.58
CA GLY A 162 -5.88 -11.48 -19.16
C GLY A 162 -6.83 -10.82 -18.19
N GLY A 163 -6.63 -11.01 -16.90
CA GLY A 163 -7.55 -10.52 -15.88
C GLY A 163 -7.13 -9.18 -15.29
N LEU A 164 -7.64 -8.92 -14.09
CA LEU A 164 -7.36 -7.65 -13.39
C LEU A 164 -6.36 -7.79 -12.24
N GLY A 165 -6.24 -8.98 -11.64
CA GLY A 165 -5.35 -9.16 -10.50
C GLY A 165 -5.87 -8.57 -9.19
N ASN A 166 -4.96 -8.45 -8.23
CA ASN A 166 -5.32 -7.92 -6.92
C ASN A 166 -5.58 -6.42 -6.97
N LEU A 167 -6.41 -5.95 -6.05
CA LEU A 167 -6.60 -4.52 -5.83
C LEU A 167 -6.33 -4.20 -4.38
N ILE A 168 -5.97 -2.94 -4.13
CA ILE A 168 -5.68 -2.47 -2.77
C ILE A 168 -6.33 -1.11 -2.58
N LYS A 169 -6.98 -0.93 -1.42
CA LYS A 169 -7.56 0.35 -1.07
C LYS A 169 -6.42 1.34 -0.86
N VAL A 170 -6.52 2.51 -1.49
CA VAL A 170 -5.45 3.51 -1.43
C VAL A 170 -5.74 4.55 -0.35
N PRO A 171 -4.73 5.24 0.17
CA PRO A 171 -4.93 6.13 1.32
C PRO A 171 -5.76 7.36 0.98
N LEU A 172 -6.17 8.05 2.04
CA LEU A 172 -6.83 9.36 2.02
C LEU A 172 -8.33 9.28 1.76
N GLY A 173 -8.90 8.09 1.72
CA GLY A 173 -10.33 7.91 1.65
C GLY A 173 -10.89 7.38 2.95
N VAL A 174 -12.10 6.85 2.87
CA VAL A 174 -12.85 6.39 4.03
C VAL A 174 -13.11 4.89 3.90
N HIS A 175 -12.73 4.12 4.93
CA HIS A 175 -12.99 2.69 4.94
C HIS A 175 -14.48 2.47 5.19
N LYS A 176 -15.19 1.88 4.22
CA LYS A 176 -16.63 1.72 4.36
C LYS A 176 -17.01 0.82 5.52
N LYS A 177 -16.12 -0.07 5.96
CA LYS A 177 -16.48 -0.97 7.07
C LYS A 177 -16.65 -0.20 8.37
N THR A 178 -15.96 0.93 8.53
CA THR A 178 -15.93 1.64 9.80
C THR A 178 -16.32 3.10 9.71
N GLY A 179 -16.26 3.72 8.53
CA GLY A 179 -16.39 5.15 8.43
C GLY A 179 -15.15 5.93 8.80
N LYS A 180 -14.04 5.27 9.08
CA LYS A 180 -12.82 5.95 9.48
C LYS A 180 -11.95 6.31 8.27
N LYS A 181 -11.23 7.43 8.41
N LYS A 181 -11.23 7.42 8.41
CA LYS A 181 -10.31 7.88 7.38
CA LYS A 181 -10.32 7.88 7.36
C LYS A 181 -9.05 7.01 7.38
C LYS A 181 -9.03 7.07 7.38
N CYS A 182 -8.54 6.74 6.19
CA CYS A 182 -7.26 6.06 6.01
C CYS A 182 -6.19 7.11 5.78
N LEU A 183 -5.20 7.15 6.67
CA LEU A 183 -4.31 8.30 6.81
C LEU A 183 -2.85 7.87 6.89
N PHE A 184 -1.96 8.68 6.32
CA PHE A 184 -0.54 8.47 6.54
C PHE A 184 -0.19 8.77 8.00
N VAL A 185 0.75 7.98 8.54
CA VAL A 185 1.24 8.15 9.89
C VAL A 185 2.76 8.19 9.87
N ASP A 186 3.34 8.81 10.89
CA ASP A 186 4.80 8.86 10.99
C ASP A 186 5.34 7.54 11.53
N ASN A 187 6.68 7.50 11.69
N ASN A 187 6.66 7.44 11.67
CA ASN A 187 7.38 6.32 12.17
CA ASN A 187 7.19 6.16 12.11
C ASN A 187 6.92 5.89 13.56
C ASN A 187 6.98 5.88 13.60
N ASP A 188 6.36 6.81 14.34
CA ASP A 188 5.85 6.52 15.67
C ASP A 188 4.34 6.35 15.68
N PHE A 189 3.73 6.25 14.50
CA PHE A 189 2.30 5.96 14.31
C PHE A 189 1.38 7.11 14.68
N ASN A 190 1.92 8.32 14.79
CA ASN A 190 1.10 9.51 14.91
C ASN A 190 0.57 9.93 13.55
N VAL A 191 -0.71 10.32 13.51
CA VAL A 191 -1.31 10.78 12.27
C VAL A 191 -0.61 12.05 11.79
N ILE A 192 -0.23 12.08 10.52
CA ILE A 192 0.37 13.26 9.92
C ILE A 192 -0.67 14.36 9.83
N GLU A 193 -0.31 15.56 10.29
N GLU A 193 -0.30 15.55 10.29
CA GLU A 193 -1.27 16.66 10.30
CA GLU A 193 -1.26 16.67 10.30
C GLU A 193 -1.64 17.09 8.89
C GLU A 193 -1.65 17.08 8.89
N ASN A 194 -0.66 17.37 8.04
CA ASN A 194 -0.90 17.86 6.69
C ASN A 194 -0.69 16.72 5.70
N GLN A 195 -1.78 15.99 5.42
CA GLN A 195 -1.69 14.81 4.58
C GLN A 195 -1.35 15.15 3.13
N ILE A 196 -1.83 16.29 2.64
CA ILE A 196 -1.57 16.70 1.27
C ILE A 196 -0.10 17.03 1.07
N GLU A 197 0.47 17.79 2.01
CA GLU A 197 1.89 18.11 1.93
C GLU A 197 2.73 16.85 2.05
N PHE A 198 2.31 15.92 2.89
CA PHE A 198 3.00 14.64 3.02
C PHE A 198 2.99 13.88 1.70
N LEU A 199 1.81 13.73 1.10
CA LEU A 199 1.67 13.10 -0.20
C LEU A 199 2.58 13.74 -1.24
N ASN A 200 2.64 15.07 -1.27
CA ASN A 200 3.40 15.78 -2.30
C ASN A 200 4.91 15.58 -2.16
N ASN A 201 5.39 15.08 -1.03
CA ASN A 201 6.82 14.93 -0.81
C ASN A 201 7.26 13.48 -0.63
N ILE A 202 6.36 12.53 -0.89
CA ILE A 202 6.74 11.12 -0.89
C ILE A 202 7.83 10.90 -1.94
N LYS A 203 8.81 10.09 -1.60
CA LYS A 203 9.96 9.81 -2.47
C LYS A 203 9.83 8.41 -3.06
N GLU A 204 10.16 8.28 -4.35
CA GLU A 204 10.13 7.01 -5.04
C GLU A 204 11.50 6.34 -5.01
N ASN A 205 11.48 5.02 -4.99
CA ASN A 205 12.70 4.23 -5.14
C ASN A 205 13.07 4.09 -6.61
N LYS A 206 14.36 3.92 -6.86
CA LYS A 206 14.89 3.74 -8.20
C LYS A 206 14.69 2.29 -8.65
N ALA A 207 13.99 2.11 -9.78
CA ALA A 207 13.79 0.77 -10.32
C ALA A 207 15.12 0.04 -10.56
N THR A 208 16.15 0.77 -11.00
CA THR A 208 17.44 0.14 -11.21
C THR A 208 18.01 -0.45 -9.92
N GLU A 209 17.84 0.24 -8.79
CA GLU A 209 18.32 -0.29 -7.52
C GLU A 209 17.50 -1.49 -7.06
N ILE A 210 16.17 -1.43 -7.26
CA ILE A 210 15.31 -2.56 -6.92
C ILE A 210 15.67 -3.78 -7.75
N ASN A 211 15.93 -3.59 -9.05
CA ASN A 211 16.30 -4.71 -9.90
C ASN A 211 17.61 -5.31 -9.44
N LYS A 212 18.56 -4.46 -9.02
CA LYS A 212 19.82 -4.97 -8.50
C LYS A 212 19.60 -5.74 -7.21
N LEU A 213 18.75 -5.24 -6.32
CA LEU A 213 18.49 -5.95 -5.08
C LEU A 213 17.85 -7.32 -5.35
N PHE A 214 16.90 -7.38 -6.28
CA PHE A 214 16.32 -8.68 -6.62
C PHE A 214 17.40 -9.65 -7.03
N ARG A 215 18.29 -9.23 -7.92
CA ARG A 215 19.34 -10.11 -8.41
C ARG A 215 20.25 -10.59 -7.28
N GLU A 216 20.63 -9.68 -6.38
CA GLU A 216 21.54 -10.05 -5.29
CA GLU A 216 21.55 -10.08 -5.32
C GLU A 216 20.89 -10.99 -4.30
N ILE A 217 19.60 -10.80 -4.01
CA ILE A 217 18.90 -11.73 -3.13
C ILE A 217 18.70 -13.07 -3.84
N PHE A 218 18.28 -13.02 -5.11
CA PHE A 218 18.08 -14.25 -5.89
C PHE A 218 19.36 -15.07 -5.98
N ASN A 219 20.52 -14.41 -6.08
CA ASN A 219 21.78 -15.12 -6.26
C ASN A 219 22.35 -15.67 -4.97
N GLU A 220 21.82 -15.31 -3.82
CA GLU A 220 22.35 -15.79 -2.54
C GLU A 220 22.10 -17.28 -2.37
PG DGT B . -8.23 -3.29 6.98
O1G DGT B . -7.81 -2.27 8.04
O2G DGT B . -9.67 -3.64 7.04
O3G DGT B . -7.24 -4.51 6.92
O3B DGT B . -8.09 -2.41 5.58
PB DGT B . -7.40 -3.06 4.17
O1B DGT B . -5.94 -3.43 4.37
O2B DGT B . -7.81 -2.13 3.01
O3A DGT B . -8.29 -4.50 4.02
PA DGT B . -7.83 -6.05 4.00
O1A DGT B . -9.01 -6.83 4.49
O2A DGT B . -6.56 -6.29 4.62
O5' DGT B . -7.67 -6.34 2.38
C5' DGT B . -6.54 -5.80 1.66
C4' DGT B . -6.93 -5.34 0.39
O4' DGT B . -7.67 -6.45 -0.36
C3' DGT B . -7.97 -4.19 0.39
O3' DGT B . -7.27 -2.93 0.56
C2' DGT B . -8.59 -4.31 -0.79
C1' DGT B . -8.62 -5.92 -1.07
N9 DGT B . -9.93 -6.45 -0.75
C8 DGT B . -10.29 -6.44 0.54
N7 DGT B . -11.56 -6.93 0.61
C5 DGT B . -11.95 -7.23 -0.62
C6 DGT B . -13.25 -7.82 -1.20
O6 DGT B . -14.17 -8.10 -0.49
N1 DGT B . -13.33 -7.99 -2.58
C2 DGT B . -12.23 -7.67 -3.45
N2 DGT B . -12.34 -7.86 -4.86
N3 DGT B . -11.00 -7.12 -2.91
C4 DGT B . -10.94 -6.93 -1.47
MN MN C . -5.35 -4.84 5.91
MN MN D . -5.35 -8.19 4.56
C1 EDO E . -4.04 0.24 14.90
O1 EDO E . -4.89 0.64 15.98
C2 EDO E . -4.73 -0.85 14.08
O2 EDO E . -6.02 -0.41 13.67
C1 EDO F . -17.04 6.60 0.89
O1 EDO F . -17.04 5.50 -0.02
C2 EDO F . -17.30 6.11 2.29
O2 EDO F . -18.63 5.58 2.40
C1 EDO G . -4.46 4.88 -12.26
O1 EDO G . -4.91 4.73 -13.61
C2 EDO G . -5.14 3.81 -11.42
O2 EDO G . -4.58 2.52 -11.70
C1 EDO H . 7.45 -19.20 13.40
O1 EDO H . 7.98 -18.49 12.27
C2 EDO H . 6.92 -20.57 12.97
O2 EDO H . 5.94 -20.47 11.92
C1 EDO I . -7.04 -9.57 2.35
O1 EDO I . -5.82 -8.84 2.48
C2 EDO I . -7.29 -10.38 3.62
O2 EDO I . -7.12 -9.56 4.78
C1 EDO J . 6.66 12.40 2.90
O1 EDO J . 6.21 13.72 2.62
C2 EDO J . 7.43 12.40 4.22
O2 EDO J . 8.54 13.29 4.13
C1 EDO K . 16.48 4.78 -2.51
O1 EDO K . 15.14 5.28 -2.47
C2 EDO K . 16.94 4.63 -3.96
O2 EDO K . 16.17 3.61 -4.60
#